data_8XA9
#
_entry.id   8XA9
#
_cell.length_a   180.756
_cell.length_b   56.193
_cell.length_c   114.445
_cell.angle_alpha   90.000
_cell.angle_beta   113.020
_cell.angle_gamma   90.000
#
_symmetry.space_group_name_H-M   'C 1 2 1'
#
loop_
_entity.id
_entity.type
_entity.pdbx_description
1 polymer 'Mitochondrial genome maintenance exonuclease 1'
2 polymer 'DNA (18-MER)'
3 polymer 'DNA (11-MER)'
4 non-polymer 'CALCIUM ION'
5 water water
#
loop_
_entity_poly.entity_id
_entity_poly.type
_entity_poly.pdbx_seq_one_letter_code
_entity_poly.pdbx_strand_id
1 'polypeptide(L)'
;GRVPQNWFPIFNPERSDKPNASDPSVPLKIPLQRNVIPSVTRVLQQTMTKQQVFLLERWKQRMILELGEDGFKEYTSNVF
LQGKRFHEALESILSPQETLKERDENLLKSGYIESVQHILKDVSGVRALESAVQHETLNYIGLLDCVAEYQGKLCVIDWK
TSEKPKPFIQSTFDNPLQVVAYMGAMNHDTNYSFQVQCGLIVVAYKDGSPAHPHFMDAELCSQYWTKWLLRLEEYTEKKK
NQNIQKPEYSE
;
A,B
2 'polydeoxyribonucleotide' (DT)(DT)(DT)(DT)(DT)(DT)(DT)(DG)(DC)(DT)(DG)(DG)(DC)(DG)(DG)(DT)(DC)(DG) C,E
3 'polydeoxyribonucleotide' (DC)(DG)(DA)(DC)(DC)(DG)(DC)(DC)(DA)(DG)(DC) D,F
#
# COMPACT_ATOMS: atom_id res chain seq x y z
N ARG A 2 16.37 -24.05 -8.25
CA ARG A 2 15.52 -24.91 -9.05
C ARG A 2 14.37 -25.50 -8.22
N VAL A 3 14.57 -25.55 -6.91
CA VAL A 3 13.56 -26.13 -6.02
C VAL A 3 13.32 -25.18 -4.85
N PRO A 4 12.13 -25.18 -4.25
CA PRO A 4 11.86 -24.23 -3.16
C PRO A 4 12.70 -24.53 -1.93
N GLN A 5 13.13 -23.47 -1.26
CA GLN A 5 13.85 -23.58 0.01
C GLN A 5 12.93 -23.46 1.21
N ASN A 6 11.77 -22.83 1.04
CA ASN A 6 10.80 -22.63 2.12
C ASN A 6 9.49 -23.30 1.72
N TRP A 7 9.46 -24.63 1.76
CA TRP A 7 8.31 -25.35 1.26
C TRP A 7 7.11 -25.19 2.18
N PHE A 8 5.92 -25.10 1.57
CA PHE A 8 4.65 -25.14 2.26
C PHE A 8 3.63 -25.59 1.23
N PRO A 9 2.73 -26.52 1.55
CA PRO A 9 1.85 -27.07 0.51
C PRO A 9 0.69 -26.14 0.18
N ILE A 10 0.04 -26.46 -0.94
CA ILE A 10 -1.09 -25.66 -1.39
C ILE A 10 -2.40 -26.14 -0.77
N PHE A 11 -2.54 -27.43 -0.49
CA PHE A 11 -3.75 -27.98 0.09
CA PHE A 11 -3.75 -28.01 0.08
C PHE A 11 -3.46 -28.51 1.49
N ASN A 12 -4.55 -28.68 2.26
CA ASN A 12 -4.45 -29.23 3.61
C ASN A 12 -5.76 -29.92 3.98
N PRO A 13 -5.80 -31.26 4.03
CA PRO A 13 -7.02 -31.93 4.49
C PRO A 13 -7.22 -31.84 6.00
N VAL A 26 -24.49 -16.53 1.32
CA VAL A 26 -24.05 -15.21 0.88
C VAL A 26 -22.54 -15.22 0.66
N PRO A 27 -22.06 -14.69 -0.47
CA PRO A 27 -20.64 -14.83 -0.79
C PRO A 27 -19.75 -14.05 0.15
N LEU A 28 -18.62 -14.66 0.50
CA LEU A 28 -17.61 -13.98 1.31
C LEU A 28 -17.00 -12.83 0.52
N LYS A 29 -16.77 -11.71 1.23
CA LYS A 29 -16.05 -10.56 0.67
C LYS A 29 -15.21 -9.98 1.80
N ILE A 30 -14.11 -10.64 2.10
CA ILE A 30 -13.22 -10.19 3.17
C ILE A 30 -12.52 -8.93 2.71
N PRO A 31 -12.63 -7.81 3.42
CA PRO A 31 -11.91 -6.61 3.01
C PRO A 31 -10.42 -6.75 3.29
N LEU A 32 -9.63 -5.99 2.54
CA LEU A 32 -8.18 -5.97 2.75
C LEU A 32 -7.85 -4.84 3.72
N GLN A 33 -7.22 -5.21 4.84
CA GLN A 33 -6.96 -4.23 5.90
C GLN A 33 -6.16 -3.04 5.39
N ARG A 34 -5.11 -3.30 4.61
CA ARG A 34 -4.27 -2.21 4.12
C ARG A 34 -5.02 -1.28 3.18
N ASN A 35 -6.17 -1.70 2.65
CA ASN A 35 -6.98 -0.80 1.82
C ASN A 35 -7.85 0.10 2.69
N VAL A 36 -8.57 -0.48 3.65
CA VAL A 36 -9.55 0.29 4.41
C VAL A 36 -8.95 0.99 5.61
N ILE A 37 -7.73 0.67 6.00
CA ILE A 37 -7.05 1.32 7.12
C ILE A 37 -5.97 2.24 6.55
N PRO A 38 -6.22 3.55 6.48
CA PRO A 38 -5.28 4.44 5.79
C PRO A 38 -4.06 4.75 6.64
N SER A 39 -3.08 5.37 5.98
CA SER A 39 -1.90 5.88 6.66
C SER A 39 -2.11 7.35 7.04
N VAL A 40 -1.37 7.78 8.06
CA VAL A 40 -1.50 9.16 8.54
C VAL A 40 -1.27 10.13 7.39
N THR A 41 -0.15 9.97 6.68
CA THR A 41 0.17 10.88 5.58
C THR A 41 -0.91 10.86 4.51
N ARG A 42 -1.57 9.71 4.30
CA ARG A 42 -2.60 9.63 3.28
C ARG A 42 -3.86 10.35 3.72
N VAL A 43 -4.20 10.25 5.02
CA VAL A 43 -5.37 10.97 5.52
C VAL A 43 -5.21 12.47 5.31
N LEU A 44 -4.02 12.99 5.59
CA LEU A 44 -3.82 14.44 5.55
C LEU A 44 -3.71 14.95 4.12
N GLN A 45 -3.00 14.22 3.25
CA GLN A 45 -2.79 14.70 1.89
C GLN A 45 -4.09 14.73 1.09
N GLN A 46 -5.03 13.85 1.41
CA GLN A 46 -6.31 13.79 0.71
C GLN A 46 -7.43 14.54 1.43
N THR A 47 -7.08 15.34 2.45
CA THR A 47 -8.04 16.20 3.13
C THR A 47 -7.49 17.62 3.26
N MET A 48 -6.61 18.02 2.35
CA MET A 48 -6.05 19.35 2.40
C MET A 48 -7.14 20.39 2.14
N THR A 49 -6.88 21.61 2.63
CA THR A 49 -7.84 22.69 2.54
C THR A 49 -7.72 23.40 1.19
N LYS A 50 -8.81 24.05 0.77
CA LYS A 50 -8.80 24.81 -0.46
C LYS A 50 -7.66 25.81 -0.51
N GLN A 51 -7.16 26.25 0.64
CA GLN A 51 -6.02 27.15 0.67
C GLN A 51 -4.72 26.41 0.39
N GLN A 52 -4.53 25.25 1.03
CA GLN A 52 -3.34 24.45 0.77
C GLN A 52 -3.25 24.08 -0.70
N VAL A 53 -4.35 23.56 -1.27
CA VAL A 53 -4.32 23.17 -2.68
C VAL A 53 -3.96 24.36 -3.56
N PHE A 54 -4.44 25.55 -3.20
CA PHE A 54 -4.15 26.74 -3.99
C PHE A 54 -2.66 27.04 -4.02
N LEU A 55 -2.06 27.28 -2.84
CA LEU A 55 -0.66 27.65 -2.78
C LEU A 55 0.24 26.54 -3.32
N LEU A 56 -0.16 25.28 -3.15
CA LEU A 56 0.64 24.18 -3.68
C LEU A 56 0.58 24.15 -5.20
N GLU A 57 -0.61 24.31 -5.78
CA GLU A 57 -0.72 24.37 -7.24
C GLU A 57 -0.07 25.64 -7.78
N ARG A 58 -0.24 26.76 -7.09
CA ARG A 58 0.41 28.00 -7.52
C ARG A 58 1.92 27.92 -7.36
N TRP A 59 2.40 27.08 -6.43
CA TRP A 59 3.83 26.93 -6.26
C TRP A 59 4.44 26.00 -7.30
N LYS A 60 3.66 25.02 -7.78
CA LYS A 60 4.16 24.14 -8.83
C LYS A 60 4.16 24.83 -10.19
N GLN A 61 3.09 25.56 -10.50
CA GLN A 61 3.03 26.28 -11.77
C GLN A 61 4.16 27.30 -11.87
N ARG A 62 4.42 28.04 -10.79
CA ARG A 62 5.47 29.04 -10.80
C ARG A 62 6.86 28.43 -10.76
N MET A 63 7.00 27.20 -10.25
CA MET A 63 8.30 26.54 -10.19
C MET A 63 8.59 25.76 -11.47
N ILE A 64 7.58 25.15 -12.08
CA ILE A 64 7.77 24.49 -13.36
C ILE A 64 8.09 25.51 -14.44
N LEU A 65 7.54 26.72 -14.32
CA LEU A 65 7.85 27.77 -15.28
C LEU A 65 9.29 28.23 -15.14
N GLU A 66 9.82 28.24 -13.92
CA GLU A 66 11.19 28.68 -13.68
C GLU A 66 12.21 27.56 -13.82
N LEU A 67 11.77 26.31 -13.99
CA LEU A 67 12.71 25.20 -14.10
C LEU A 67 12.28 24.11 -15.08
N GLY A 68 11.12 24.25 -15.72
CA GLY A 68 10.68 23.27 -16.69
C GLY A 68 10.17 21.99 -16.04
N GLU A 69 9.47 21.20 -16.85
CA GLU A 69 8.90 19.95 -16.36
C GLU A 69 9.99 18.99 -15.91
N ASP A 70 10.97 18.74 -16.77
CA ASP A 70 12.05 17.82 -16.42
C ASP A 70 12.87 18.34 -15.25
N GLY A 71 13.02 19.66 -15.14
CA GLY A 71 13.79 20.21 -14.04
C GLY A 71 13.02 20.14 -12.72
N PHE A 72 11.75 20.53 -12.73
CA PHE A 72 10.93 20.46 -11.53
C PHE A 72 10.82 19.02 -11.04
N LYS A 73 10.80 18.04 -11.96
CA LYS A 73 10.82 16.64 -11.54
C LYS A 73 12.16 16.29 -10.90
N GLU A 74 13.26 16.86 -11.41
CA GLU A 74 14.55 16.66 -10.78
C GLU A 74 14.60 17.35 -9.41
N TYR A 75 14.07 18.56 -9.33
CA TYR A 75 13.99 19.25 -8.03
C TYR A 75 13.32 18.36 -6.99
N THR A 76 12.13 17.87 -7.30
CA THR A 76 11.43 16.97 -6.39
C THR A 76 12.32 15.82 -5.93
N SER A 77 13.14 15.29 -6.83
CA SER A 77 13.99 14.16 -6.48
C SER A 77 15.01 14.54 -5.43
N ASN A 78 15.68 15.69 -5.60
CA ASN A 78 16.73 16.09 -4.67
C ASN A 78 16.17 16.31 -3.28
N VAL A 79 15.20 17.21 -3.13
CA VAL A 79 14.70 17.55 -1.81
C VAL A 79 14.08 16.33 -1.13
N PHE A 80 13.54 15.39 -1.91
CA PHE A 80 13.09 14.13 -1.33
C PHE A 80 14.27 13.33 -0.79
N LEU A 81 15.37 13.27 -1.51
CA LEU A 81 16.47 12.42 -1.03
C LEU A 81 17.15 13.05 0.16
N GLN A 82 17.28 14.36 0.14
CA GLN A 82 17.96 15.04 1.23
C GLN A 82 17.24 14.71 2.51
N GLY A 83 15.93 14.71 2.46
CA GLY A 83 15.17 14.36 3.63
C GLY A 83 15.38 12.94 4.03
N LYS A 84 15.13 12.02 3.11
CA LYS A 84 15.24 10.61 3.45
C LYS A 84 16.62 10.28 4.03
N ARG A 85 17.68 10.84 3.44
CA ARG A 85 19.01 10.60 3.97
C ARG A 85 19.16 11.19 5.37
N PHE A 86 18.65 12.41 5.57
CA PHE A 86 18.61 13.02 6.90
C PHE A 86 17.96 12.07 7.90
N HIS A 87 16.75 11.61 7.61
CA HIS A 87 16.03 10.75 8.54
C HIS A 87 16.82 9.49 8.84
N GLU A 88 17.44 8.89 7.82
CA GLU A 88 18.25 7.69 8.04
C GLU A 88 19.46 8.01 8.94
N ALA A 89 20.10 9.15 8.70
CA ALA A 89 21.25 9.54 9.50
C ALA A 89 20.90 9.56 10.98
N LEU A 90 19.79 10.22 11.33
CA LEU A 90 19.36 10.24 12.73
C LEU A 90 19.02 8.84 13.22
N GLU A 91 18.34 8.04 12.39
CA GLU A 91 18.04 6.67 12.76
C GLU A 91 19.30 5.92 13.16
N SER A 92 20.44 6.25 12.56
CA SER A 92 21.70 5.63 12.93
C SER A 92 22.27 6.27 14.20
N ILE A 93 22.30 7.60 14.24
CA ILE A 93 22.86 8.30 15.40
C ILE A 93 22.15 7.88 16.68
N LEU A 94 20.82 7.91 16.66
CA LEU A 94 20.05 7.59 17.86
C LEU A 94 20.04 6.10 18.19
N SER A 95 20.68 5.26 17.36
CA SER A 95 20.82 3.84 17.68
C SER A 95 22.07 3.61 18.53
N SER A 110 27.46 16.44 6.95
CA SER A 110 26.34 17.02 6.23
C SER A 110 25.83 18.28 6.94
N GLY A 111 25.28 19.22 6.18
CA GLY A 111 24.84 20.47 6.75
C GLY A 111 23.66 20.31 7.70
N TYR A 112 22.73 19.41 7.38
CA TYR A 112 21.58 19.19 8.24
C TYR A 112 22.00 18.64 9.60
N ILE A 113 23.04 17.82 9.64
CA ILE A 113 23.45 17.18 10.90
C ILE A 113 24.05 18.22 11.85
N GLU A 114 24.83 19.16 11.31
CA GLU A 114 25.37 20.22 12.14
C GLU A 114 24.26 21.12 12.68
N SER A 115 23.17 21.29 11.92
CA SER A 115 22.09 22.16 12.36
C SER A 115 21.37 21.60 13.58
N VAL A 116 21.29 20.27 13.71
CA VAL A 116 20.55 19.65 14.80
C VAL A 116 21.44 19.27 15.98
N GLN A 117 22.75 19.49 15.88
CA GLN A 117 23.64 19.07 16.96
C GLN A 117 23.24 19.70 18.29
N HIS A 118 22.80 20.95 18.27
CA HIS A 118 22.41 21.62 19.50
C HIS A 118 21.06 21.12 20.03
N ILE A 119 20.37 20.27 19.28
CA ILE A 119 19.15 19.63 19.77
C ILE A 119 19.43 18.22 20.28
N LEU A 120 20.32 17.49 19.59
CA LEU A 120 20.66 16.15 20.04
C LEU A 120 21.24 16.17 21.45
N LYS A 121 21.90 17.26 21.84
CA LYS A 121 22.44 17.37 23.19
C LYS A 121 21.34 17.23 24.24
N ASP A 122 20.11 17.60 23.88
CA ASP A 122 18.98 17.55 24.80
C ASP A 122 18.14 16.28 24.67
N VAL A 123 18.43 15.42 23.69
CA VAL A 123 17.65 14.22 23.45
C VAL A 123 18.35 13.03 24.07
N SER A 124 17.57 12.15 24.70
CA SER A 124 18.07 10.89 25.23
C SER A 124 16.86 9.99 25.48
N GLY A 125 17.11 8.84 26.11
CA GLY A 125 16.03 7.93 26.44
C GLY A 125 15.25 7.44 25.23
N VAL A 126 15.94 7.11 24.15
CA VAL A 126 15.27 6.70 22.91
C VAL A 126 14.53 5.38 23.15
N ARG A 127 13.22 5.40 22.95
CA ARG A 127 12.41 4.20 23.09
C ARG A 127 11.99 3.60 21.75
N ALA A 128 12.07 4.36 20.66
CA ALA A 128 11.62 3.86 19.37
C ALA A 128 12.19 4.71 18.26
N LEU A 129 12.37 4.09 17.10
CA LEU A 129 12.86 4.78 15.91
C LEU A 129 12.23 4.12 14.69
N GLU A 130 11.80 4.95 13.74
CA GLU A 130 11.18 4.50 12.50
C GLU A 130 10.29 3.28 12.75
N SER A 131 9.45 3.39 13.76
CA SER A 131 8.60 2.29 14.21
C SER A 131 7.16 2.53 13.81
N ALA A 132 6.42 1.43 13.66
CA ALA A 132 5.05 1.48 13.18
C ALA A 132 4.08 1.58 14.34
N VAL A 133 3.01 2.35 14.13
CA VAL A 133 1.94 2.49 15.11
C VAL A 133 0.61 2.26 14.39
N GLN A 134 -0.28 1.48 15.02
CA GLN A 134 -1.61 1.24 14.52
C GLN A 134 -2.61 1.61 15.61
N HIS A 135 -3.65 2.36 15.24
CA HIS A 135 -4.72 2.70 16.16
C HIS A 135 -5.79 1.62 16.07
N GLU A 136 -5.86 0.78 17.10
CA GLU A 136 -6.77 -0.36 17.07
C GLU A 136 -8.22 0.06 16.89
N THR A 137 -8.58 1.27 17.32
CA THR A 137 -9.96 1.72 17.28
C THR A 137 -10.23 2.71 16.16
N LEU A 138 -9.45 3.78 16.06
CA LEU A 138 -9.65 4.76 14.99
C LEU A 138 -9.19 4.23 13.64
N ASN A 139 -8.49 3.09 13.61
CA ASN A 139 -8.21 2.36 12.37
C ASN A 139 -7.42 3.23 11.37
N TYR A 140 -6.20 3.58 11.77
CA TYR A 140 -5.20 4.11 10.85
C TYR A 140 -3.85 3.61 11.33
N ILE A 141 -2.80 3.92 10.55
CA ILE A 141 -1.45 3.43 10.84
C ILE A 141 -0.46 4.49 10.40
N GLY A 142 0.78 4.35 10.87
CA GLY A 142 1.84 5.27 10.49
C GLY A 142 3.18 4.77 10.96
N LEU A 143 4.22 5.46 10.50
CA LEU A 143 5.61 5.22 10.90
C LEU A 143 6.16 6.48 11.52
N LEU A 144 6.32 6.48 12.84
CA LEU A 144 6.87 7.65 13.52
C LEU A 144 8.39 7.65 13.43
N ASP A 145 8.96 8.85 13.35
CA ASP A 145 10.41 8.98 13.25
C ASP A 145 11.09 8.49 14.51
N CYS A 146 10.76 9.09 15.66
CA CYS A 146 11.49 8.84 16.89
C CYS A 146 10.59 9.04 18.09
N VAL A 147 10.87 8.28 19.14
CA VAL A 147 10.28 8.47 20.46
C VAL A 147 11.44 8.52 21.45
N ALA A 148 11.65 9.68 22.06
CA ALA A 148 12.80 9.87 22.94
C ALA A 148 12.54 11.03 23.88
N GLU A 149 13.34 11.10 24.94
CA GLU A 149 13.23 12.17 25.91
C GLU A 149 13.94 13.41 25.41
N TYR A 150 13.22 14.53 25.36
CA TYR A 150 13.78 15.83 25.03
C TYR A 150 13.69 16.71 26.28
N GLN A 151 14.83 17.01 26.88
CA GLN A 151 14.89 17.75 28.14
C GLN A 151 14.07 17.04 29.23
N GLY A 152 14.21 15.72 29.28
CA GLY A 152 13.50 14.91 30.24
C GLY A 152 12.04 14.65 29.91
N LYS A 153 11.59 15.04 28.72
CA LYS A 153 10.18 14.93 28.34
C LYS A 153 10.06 13.94 27.19
N LEU A 154 9.37 12.83 27.45
CA LEU A 154 9.15 11.81 26.43
C LEU A 154 8.14 12.32 25.41
N CYS A 155 8.58 12.44 24.15
CA CYS A 155 7.71 12.83 23.06
C CYS A 155 8.02 11.98 21.84
N VAL A 156 7.05 11.88 20.94
CA VAL A 156 7.34 11.43 19.59
C VAL A 156 7.91 12.62 18.83
N ILE A 157 9.06 12.43 18.19
CA ILE A 157 9.77 13.50 17.53
C ILE A 157 9.62 13.34 16.02
N ASP A 158 9.48 14.47 15.33
CA ASP A 158 9.32 14.51 13.87
C ASP A 158 10.46 15.35 13.30
N TRP A 159 11.53 14.70 12.84
CA TRP A 159 12.59 15.41 12.16
C TRP A 159 12.13 15.82 10.76
N LYS A 160 12.81 16.82 10.20
CA LYS A 160 12.59 17.18 8.80
C LYS A 160 13.57 18.27 8.35
N THR A 161 13.93 18.22 7.07
CA THR A 161 14.69 19.28 6.44
C THR A 161 13.73 20.30 5.84
N SER A 162 14.26 21.48 5.53
CA SER A 162 13.48 22.50 4.85
C SER A 162 14.43 23.53 4.24
N GLU A 163 14.08 24.02 3.06
CA GLU A 163 14.84 25.07 2.41
C GLU A 163 14.60 26.39 3.12
N LYS A 164 13.37 26.91 3.03
CA LYS A 164 13.02 28.14 3.72
C LYS A 164 12.97 27.90 5.23
N PRO A 165 13.05 28.95 6.03
CA PRO A 165 13.02 28.79 7.48
C PRO A 165 11.62 28.73 8.04
N LYS A 166 11.51 28.06 9.18
CA LYS A 166 10.24 27.77 9.84
C LYS A 166 10.38 28.17 11.31
N PRO A 167 10.11 29.48 11.64
CA PRO A 167 10.44 29.91 13.01
C PRO A 167 9.31 29.65 14.00
N PHE A 168 8.11 29.32 13.53
CA PHE A 168 6.94 29.14 14.37
C PHE A 168 6.24 27.86 13.96
N ILE A 169 5.67 27.16 14.93
CA ILE A 169 5.04 25.88 14.65
C ILE A 169 4.01 26.01 13.53
N GLN A 170 3.45 27.20 13.34
CA GLN A 170 2.52 27.41 12.23
C GLN A 170 3.21 27.21 10.89
N SER A 171 4.53 27.43 10.82
CA SER A 171 5.25 27.28 9.57
C SER A 171 5.39 25.83 9.14
N THR A 172 5.15 24.87 10.04
CA THR A 172 5.24 23.45 9.72
C THR A 172 3.90 22.87 9.27
N PHE A 173 2.87 23.71 9.12
CA PHE A 173 1.63 23.37 8.43
C PHE A 173 0.99 22.15 9.10
N ASP A 174 0.86 21.01 8.42
CA ASP A 174 0.15 19.86 8.96
C ASP A 174 1.00 19.01 9.89
N ASN A 175 2.31 19.27 9.98
CA ASN A 175 3.19 18.43 10.78
C ASN A 175 2.69 18.21 12.20
N PRO A 176 2.14 19.20 12.91
CA PRO A 176 1.61 18.91 14.25
C PRO A 176 0.52 17.84 14.22
N LEU A 177 -0.36 17.88 13.24
CA LEU A 177 -1.38 16.84 13.09
C LEU A 177 -0.73 15.48 12.90
N GLN A 178 0.28 15.40 12.02
CA GLN A 178 0.98 14.15 11.82
C GLN A 178 1.57 13.63 13.13
N VAL A 179 2.05 14.53 13.98
CA VAL A 179 2.71 14.11 15.21
C VAL A 179 1.70 13.54 16.19
N VAL A 180 0.59 14.25 16.41
CA VAL A 180 -0.37 13.77 17.41
C VAL A 180 -1.11 12.54 16.89
N ALA A 181 -1.27 12.41 15.58
CA ALA A 181 -1.76 11.14 15.03
C ALA A 181 -0.86 9.99 15.45
N TYR A 182 0.46 10.19 15.40
CA TYR A 182 1.39 9.16 15.83
C TYR A 182 1.26 8.91 17.33
N MET A 183 1.18 9.97 18.13
CA MET A 183 1.09 9.79 19.58
C MET A 183 -0.17 9.02 19.96
N GLY A 184 -1.33 9.50 19.51
CA GLY A 184 -2.57 8.80 19.82
C GLY A 184 -2.54 7.35 19.38
N ALA A 185 -1.88 7.08 18.25
CA ALA A 185 -1.77 5.69 17.78
C ALA A 185 -0.96 4.85 18.77
N MET A 186 0.22 5.34 19.15
CA MET A 186 1.06 4.57 20.06
C MET A 186 0.37 4.34 21.40
N ASN A 187 -0.16 5.40 22.00
CA ASN A 187 -0.80 5.29 23.31
C ASN A 187 -1.91 4.26 23.34
N HIS A 188 -2.35 3.76 22.19
CA HIS A 188 -3.37 2.73 22.10
C HIS A 188 -2.93 1.63 21.14
N ASP A 189 -1.63 1.32 21.15
CA ASP A 189 -1.06 0.24 20.34
C ASP A 189 -0.39 -0.74 21.30
N THR A 190 -0.95 -1.94 21.42
CA THR A 190 -0.47 -2.91 22.40
C THR A 190 0.95 -3.39 22.09
N ASN A 191 1.50 -3.06 20.93
CA ASN A 191 2.93 -3.30 20.70
C ASN A 191 3.81 -2.41 21.56
N TYR A 192 3.23 -1.40 22.22
CA TYR A 192 3.96 -0.45 23.05
C TYR A 192 3.48 -0.57 24.49
N SER A 193 4.43 -0.63 25.42
CA SER A 193 4.12 -0.79 26.83
C SER A 193 3.98 0.54 27.57
N PHE A 194 4.19 1.67 26.89
CA PHE A 194 4.19 2.98 27.52
C PHE A 194 3.32 3.93 26.72
N GLN A 195 3.07 5.10 27.30
CA GLN A 195 2.34 6.17 26.66
C GLN A 195 3.26 7.38 26.47
N VAL A 196 2.80 8.31 25.64
CA VAL A 196 3.54 9.53 25.34
CA VAL A 196 3.54 9.53 25.36
C VAL A 196 2.54 10.69 25.33
N GLN A 197 2.98 11.85 25.82
CA GLN A 197 2.09 12.99 25.94
C GLN A 197 2.57 14.27 25.29
N CYS A 198 3.80 14.33 24.78
CA CYS A 198 4.33 15.54 24.17
C CYS A 198 4.80 15.23 22.75
N GLY A 199 4.92 16.28 21.95
CA GLY A 199 5.40 16.16 20.59
C GLY A 199 6.46 17.22 20.30
N LEU A 200 7.36 16.88 19.39
CA LEU A 200 8.48 17.74 19.05
C LEU A 200 8.70 17.73 17.55
N ILE A 201 8.71 18.90 16.94
CA ILE A 201 9.02 19.06 15.52
C ILE A 201 10.37 19.77 15.43
N VAL A 202 11.34 19.14 14.78
CA VAL A 202 12.68 19.69 14.61
C VAL A 202 12.88 19.98 13.13
N VAL A 203 13.15 21.24 12.81
CA VAL A 203 13.39 21.68 11.45
C VAL A 203 14.87 22.02 11.33
N ALA A 204 15.60 21.26 10.51
CA ALA A 204 17.01 21.51 10.25
C ALA A 204 17.16 22.21 8.91
N TYR A 205 18.36 22.74 8.68
CA TYR A 205 18.64 23.56 7.50
C TYR A 205 19.95 23.14 6.86
N LYS A 206 20.02 23.28 5.54
CA LYS A 206 21.20 22.85 4.80
C LYS A 206 22.41 23.70 5.16
N ASP A 207 22.21 25.01 5.29
CA ASP A 207 23.32 25.91 5.61
C ASP A 207 23.85 25.75 7.03
N GLY A 208 23.31 24.80 7.79
CA GLY A 208 23.80 24.54 9.14
C GLY A 208 23.28 25.47 10.21
N SER A 209 22.34 26.36 9.88
CA SER A 209 21.75 27.22 10.89
C SER A 209 21.15 26.35 12.00
N PRO A 210 21.26 26.80 13.25
CA PRO A 210 20.72 25.91 14.27
C PRO A 210 19.31 25.48 13.96
N ALA A 211 18.91 24.36 14.51
CA ALA A 211 17.58 23.85 14.24
C ALA A 211 16.51 24.39 15.14
N HIS A 212 15.40 24.84 14.56
CA HIS A 212 14.31 25.33 15.35
C HIS A 212 13.56 24.19 15.96
N PRO A 213 13.46 24.21 17.29
CA PRO A 213 12.70 23.17 17.97
C PRO A 213 11.31 23.70 18.28
N HIS A 214 10.29 23.03 17.77
CA HIS A 214 8.94 23.48 18.03
C HIS A 214 8.32 22.43 18.93
N PHE A 215 8.27 22.71 20.21
CA PHE A 215 7.76 21.74 21.17
C PHE A 215 6.28 21.87 21.38
N MET A 216 5.66 20.77 21.73
CA MET A 216 4.24 20.75 21.92
C MET A 216 3.94 20.01 23.20
N ASP A 217 3.58 20.76 24.23
CA ASP A 217 3.29 20.13 25.51
C ASP A 217 1.97 19.38 25.45
N ALA A 218 1.67 18.65 26.53
CA ALA A 218 0.47 17.82 26.57
C ALA A 218 -0.78 18.61 26.16
N GLU A 219 -0.92 19.84 26.67
CA GLU A 219 -2.12 20.61 26.40
C GLU A 219 -2.23 20.93 24.91
N LEU A 220 -1.13 21.39 24.30
CA LEU A 220 -1.19 21.75 22.89
C LEU A 220 -1.47 20.53 22.02
N CYS A 221 -0.89 19.38 22.38
CA CYS A 221 -1.15 18.16 21.61
C CYS A 221 -2.62 17.78 21.67
N SER A 222 -3.31 18.09 22.78
CA SER A 222 -4.75 17.87 22.83
C SER A 222 -5.47 18.78 21.87
N GLN A 223 -4.98 20.01 21.70
CA GLN A 223 -5.56 20.92 20.72
C GLN A 223 -5.45 20.33 19.32
N TYR A 224 -4.23 19.99 18.91
CA TYR A 224 -4.02 19.48 17.56
C TYR A 224 -4.71 18.14 17.36
N TRP A 225 -4.83 17.34 18.42
CA TRP A 225 -5.46 16.03 18.29
C TRP A 225 -6.91 16.18 17.85
N THR A 226 -7.66 17.07 18.51
CA THR A 226 -9.04 17.33 18.10
CA THR A 226 -9.04 17.32 18.10
C THR A 226 -9.13 17.68 16.62
N LYS A 227 -8.18 18.49 16.13
CA LYS A 227 -8.18 18.85 14.72
C LYS A 227 -7.79 17.66 13.85
N TRP A 228 -6.98 16.73 14.38
CA TRP A 228 -6.64 15.54 13.61
C TRP A 228 -7.85 14.64 13.44
N LEU A 229 -8.68 14.49 14.49
CA LEU A 229 -9.91 13.73 14.36
C LEU A 229 -10.80 14.30 13.27
N LEU A 230 -10.80 15.63 13.10
CA LEU A 230 -11.58 16.23 12.03
C LEU A 230 -11.07 15.79 10.66
N ARG A 231 -9.76 15.89 10.44
CA ARG A 231 -9.18 15.43 9.18
C ARG A 231 -9.44 13.96 8.97
N LEU A 232 -9.26 13.15 10.02
CA LEU A 232 -9.58 11.72 9.94
C LEU A 232 -11.03 11.52 9.52
N GLU A 233 -11.96 12.17 10.23
CA GLU A 233 -13.38 11.96 9.95
C GLU A 233 -13.75 12.50 8.59
N GLU A 234 -13.15 13.61 8.17
CA GLU A 234 -13.36 14.09 6.80
C GLU A 234 -12.90 13.06 5.79
N TYR A 235 -11.75 12.44 6.03
CA TYR A 235 -11.23 11.43 5.11
C TYR A 235 -12.18 10.24 5.01
N THR A 236 -12.55 9.66 6.15
CA THR A 236 -13.40 8.47 6.13
C THR A 236 -14.74 8.75 5.49
N GLU A 237 -15.26 9.96 5.64
CA GLU A 237 -16.48 10.34 4.92
C GLU A 237 -16.20 10.43 3.42
N LYS A 238 -15.06 11.02 3.04
CA LYS A 238 -14.68 11.07 1.64
C LYS A 238 -14.61 9.67 1.03
N LYS A 239 -14.19 8.68 1.82
CA LYS A 239 -14.03 7.33 1.31
C LYS A 239 -15.36 6.58 1.19
N LYS A 240 -16.42 7.09 1.82
CA LYS A 240 -17.73 6.48 1.63
C LYS A 240 -18.14 6.51 0.16
N ASN A 241 -18.18 7.71 -0.43
CA ASN A 241 -18.47 7.87 -1.85
C ASN A 241 -17.40 7.17 -2.70
N ARG B 2 -16.96 22.95 13.40
CA ARG B 2 -16.68 21.54 13.16
C ARG B 2 -16.26 20.85 14.46
N VAL B 3 -16.98 19.79 14.82
CA VAL B 3 -16.76 19.08 16.07
C VAL B 3 -16.66 17.58 15.76
N PRO B 4 -15.71 16.85 16.33
CA PRO B 4 -15.56 15.43 15.97
C PRO B 4 -16.78 14.62 16.34
N GLN B 5 -17.15 13.70 15.45
CA GLN B 5 -18.29 12.81 15.67
C GLN B 5 -17.88 11.45 16.23
N ASN B 6 -16.67 10.99 15.95
CA ASN B 6 -16.17 9.72 16.46
C ASN B 6 -15.02 9.98 17.43
N TRP B 7 -15.38 10.47 18.61
CA TRP B 7 -14.37 10.88 19.58
C TRP B 7 -13.61 9.69 20.14
N PHE B 8 -12.30 9.87 20.32
CA PHE B 8 -11.45 8.92 21.02
C PHE B 8 -10.33 9.72 21.67
N PRO B 9 -9.93 9.39 22.90
CA PRO B 9 -8.88 10.19 23.56
C PRO B 9 -7.51 9.92 22.96
N ILE B 10 -6.61 10.87 23.20
CA ILE B 10 -5.23 10.72 22.78
C ILE B 10 -4.40 10.02 23.85
N PHE B 11 -4.69 10.28 25.13
CA PHE B 11 -4.00 9.69 26.26
CA PHE B 11 -3.99 9.66 26.23
C PHE B 11 -4.91 8.69 26.95
N ASN B 12 -4.29 7.78 27.71
CA ASN B 12 -5.03 6.79 28.48
C ASN B 12 -4.49 6.72 29.91
N PRO B 27 15.69 0.08 21.62
CA PRO B 27 14.75 0.98 20.96
C PRO B 27 13.82 0.25 19.99
N LEU B 28 12.51 0.38 20.22
CA LEU B 28 11.54 -0.34 19.41
C LEU B 28 11.63 0.11 17.95
N LYS B 29 11.51 -0.87 17.04
CA LYS B 29 11.45 -0.62 15.60
C LYS B 29 10.45 -1.61 15.00
N ILE B 30 9.18 -1.40 15.32
CA ILE B 30 8.12 -2.30 14.90
C ILE B 30 7.95 -2.18 13.39
N PRO B 31 8.09 -3.26 12.61
CA PRO B 31 7.91 -3.15 11.17
C PRO B 31 6.44 -2.98 10.80
N LEU B 32 6.22 -2.37 9.65
CA LEU B 32 4.87 -2.21 9.10
C LEU B 32 4.53 -3.44 8.28
N GLN B 33 3.46 -4.14 8.66
CA GLN B 33 3.10 -5.38 8.00
C GLN B 33 2.88 -5.19 6.51
N ARG B 34 2.17 -4.12 6.13
CA ARG B 34 1.85 -3.91 4.73
C ARG B 34 3.08 -3.68 3.87
N ASN B 35 4.21 -3.31 4.48
CA ASN B 35 5.46 -3.18 3.74
C ASN B 35 6.21 -4.51 3.64
N VAL B 36 6.09 -5.37 4.64
CA VAL B 36 6.83 -6.62 4.65
C VAL B 36 6.03 -7.79 4.07
N ILE B 37 4.70 -7.69 4.06
CA ILE B 37 3.85 -8.73 3.50
C ILE B 37 3.42 -8.28 2.10
N PRO B 38 4.08 -8.74 1.04
CA PRO B 38 3.78 -8.24 -0.30
C PRO B 38 2.48 -8.81 -0.85
N SER B 39 1.97 -8.14 -1.87
CA SER B 39 0.81 -8.64 -2.61
C SER B 39 1.28 -9.60 -3.69
N VAL B 40 0.34 -10.41 -4.18
CA VAL B 40 0.68 -11.44 -5.15
C VAL B 40 1.20 -10.80 -6.44
N THR B 41 0.47 -9.80 -6.97
CA THR B 41 0.89 -9.20 -8.22
C THR B 41 2.21 -8.44 -8.07
N ARG B 42 2.46 -7.85 -6.90
CA ARG B 42 3.76 -7.24 -6.65
C ARG B 42 4.86 -8.29 -6.73
N VAL B 43 4.66 -9.43 -6.08
CA VAL B 43 5.67 -10.50 -6.12
C VAL B 43 5.97 -10.88 -7.56
N LEU B 44 4.94 -10.99 -8.39
CA LEU B 44 5.15 -11.47 -9.76
C LEU B 44 5.73 -10.38 -10.65
N GLN B 45 5.29 -9.13 -10.48
CA GLN B 45 5.76 -8.07 -11.36
C GLN B 45 7.24 -7.76 -11.14
N GLN B 46 7.74 -7.98 -9.91
CA GLN B 46 9.10 -7.65 -9.56
C GLN B 46 10.05 -8.84 -9.64
N THR B 47 9.58 -9.98 -10.18
CA THR B 47 10.42 -11.15 -10.38
C THR B 47 10.25 -11.71 -11.79
N MET B 48 9.89 -10.85 -12.74
CA MET B 48 9.73 -11.28 -14.11
C MET B 48 11.07 -11.73 -14.68
N THR B 49 11.01 -12.52 -15.74
CA THR B 49 12.21 -13.01 -16.40
C THR B 49 12.79 -11.95 -17.32
N LYS B 50 14.05 -12.16 -17.71
CA LYS B 50 14.65 -11.31 -18.75
C LYS B 50 13.84 -11.38 -20.04
N GLN B 51 13.12 -12.48 -20.26
CA GLN B 51 12.32 -12.62 -21.47
C GLN B 51 11.05 -11.78 -21.40
N GLN B 52 10.27 -11.94 -20.33
CA GLN B 52 9.12 -11.06 -20.10
C GLN B 52 9.53 -9.61 -20.23
N VAL B 53 10.53 -9.20 -19.44
CA VAL B 53 10.96 -7.80 -19.44
C VAL B 53 11.33 -7.37 -20.86
N PHE B 54 12.02 -8.23 -21.61
CA PHE B 54 12.41 -7.87 -22.97
C PHE B 54 11.19 -7.64 -23.85
N LEU B 55 10.27 -8.61 -23.88
CA LEU B 55 9.11 -8.50 -24.75
C LEU B 55 8.17 -7.40 -24.29
N LEU B 56 8.06 -7.19 -22.97
CA LEU B 56 7.23 -6.11 -22.47
C LEU B 56 7.78 -4.75 -22.90
N GLU B 57 9.06 -4.51 -22.61
CA GLU B 57 9.67 -3.24 -23.01
C GLU B 57 9.61 -3.04 -24.51
N ARG B 58 9.92 -4.08 -25.29
CA ARG B 58 9.82 -3.97 -26.74
C ARG B 58 8.41 -3.58 -27.17
N TRP B 59 7.42 -4.30 -26.66
CA TRP B 59 6.03 -3.98 -26.99
C TRP B 59 5.70 -2.54 -26.61
N LYS B 60 6.24 -2.07 -25.49
CA LYS B 60 5.97 -0.70 -25.05
C LYS B 60 6.50 0.30 -26.07
N GLN B 61 7.75 0.14 -26.51
CA GLN B 61 8.33 1.06 -27.48
C GLN B 61 7.54 1.05 -28.79
N ARG B 62 7.18 -0.14 -29.26
CA ARG B 62 6.38 -0.23 -30.48
C ARG B 62 5.06 0.52 -30.34
N MET B 63 4.47 0.47 -29.15
CA MET B 63 3.21 1.17 -28.93
C MET B 63 3.41 2.67 -28.83
N ILE B 64 4.44 3.10 -28.09
CA ILE B 64 4.74 4.53 -27.99
C ILE B 64 5.11 5.09 -29.36
N LEU B 65 5.99 4.38 -30.07
CA LEU B 65 6.35 4.80 -31.43
C LEU B 65 5.13 4.99 -32.31
N GLU B 66 4.07 4.22 -32.06
CA GLU B 66 2.89 4.25 -32.91
C GLU B 66 1.82 5.22 -32.41
N LEU B 67 1.73 5.42 -31.09
CA LEU B 67 0.69 6.27 -30.51
C LEU B 67 1.22 7.54 -29.88
N GLY B 68 2.52 7.68 -29.68
CA GLY B 68 3.06 8.77 -28.90
C GLY B 68 2.82 8.57 -27.41
N GLU B 69 3.51 9.37 -26.61
CA GLU B 69 3.48 9.19 -25.17
C GLU B 69 2.06 9.30 -24.63
N ASP B 70 1.39 10.42 -24.93
CA ASP B 70 0.03 10.61 -24.41
C ASP B 70 -0.93 9.59 -25.00
N GLY B 71 -0.76 9.24 -26.28
CA GLY B 71 -1.58 8.20 -26.86
C GLY B 71 -1.44 6.88 -26.14
N PHE B 72 -0.20 6.52 -25.79
CA PHE B 72 0.03 5.27 -25.06
C PHE B 72 -0.62 5.33 -23.67
N LYS B 73 -0.36 6.41 -22.93
CA LYS B 73 -0.96 6.54 -21.60
C LYS B 73 -2.48 6.47 -21.67
N GLU B 74 -3.07 6.83 -22.80
CA GLU B 74 -4.51 6.72 -22.97
C GLU B 74 -4.92 5.28 -23.28
N TYR B 75 -4.13 4.60 -24.12
CA TYR B 75 -4.37 3.17 -24.34
C TYR B 75 -4.29 2.40 -23.03
N THR B 76 -3.30 2.72 -22.20
CA THR B 76 -3.15 2.05 -20.92
C THR B 76 -4.37 2.29 -20.04
N SER B 77 -4.78 3.55 -19.90
CA SER B 77 -5.97 3.85 -19.11
C SER B 77 -7.20 3.14 -19.66
N ASN B 78 -7.27 2.99 -20.99
CA ASN B 78 -8.41 2.33 -21.60
C ASN B 78 -8.51 0.87 -21.16
N VAL B 79 -7.47 0.09 -21.44
CA VAL B 79 -7.54 -1.35 -21.19
C VAL B 79 -7.68 -1.63 -19.69
N PHE B 80 -7.02 -0.80 -18.86
CA PHE B 80 -7.22 -0.90 -17.41
C PHE B 80 -8.70 -0.78 -17.07
N LEU B 81 -9.36 0.24 -17.59
CA LEU B 81 -10.76 0.49 -17.24
C LEU B 81 -11.66 -0.60 -17.80
N GLN B 82 -11.43 -1.01 -19.05
CA GLN B 82 -12.23 -2.09 -19.63
C GLN B 82 -12.16 -3.34 -18.76
N GLY B 83 -10.98 -3.68 -18.25
CA GLY B 83 -10.87 -4.83 -17.37
C GLY B 83 -11.52 -4.61 -16.02
N LYS B 84 -11.35 -3.41 -15.46
CA LYS B 84 -11.94 -3.12 -14.15
C LYS B 84 -13.46 -3.15 -14.22
N ARG B 85 -14.04 -2.54 -15.26
CA ARG B 85 -15.49 -2.54 -15.40
C ARG B 85 -16.00 -3.96 -15.60
N PHE B 86 -15.26 -4.78 -16.34
CA PHE B 86 -15.67 -6.17 -16.55
C PHE B 86 -15.66 -6.96 -15.25
N HIS B 87 -14.59 -6.81 -14.46
CA HIS B 87 -14.52 -7.50 -13.17
C HIS B 87 -15.68 -7.06 -12.27
N GLU B 88 -16.00 -5.76 -12.26
CA GLU B 88 -17.10 -5.27 -11.42
C GLU B 88 -18.45 -5.76 -11.93
N ALA B 89 -18.60 -5.91 -13.24
CA ALA B 89 -19.84 -6.46 -13.79
C ALA B 89 -20.08 -7.88 -13.26
N LEU B 90 -19.04 -8.72 -13.30
CA LEU B 90 -19.20 -10.10 -12.86
C LEU B 90 -19.46 -10.19 -11.37
N GLU B 91 -18.85 -9.30 -10.57
CA GLU B 91 -19.14 -9.30 -9.14
C GLU B 91 -20.62 -9.05 -8.88
N SER B 92 -21.25 -8.18 -9.68
CA SER B 92 -22.68 -7.93 -9.53
C SER B 92 -23.47 -9.16 -9.94
N ILE B 93 -23.18 -9.71 -11.12
CA ILE B 93 -23.91 -10.88 -11.62
C ILE B 93 -23.88 -11.99 -10.59
N LEU B 94 -22.68 -12.36 -10.14
CA LEU B 94 -22.51 -13.50 -9.26
C LEU B 94 -22.85 -13.22 -7.80
N SER B 95 -23.21 -11.97 -7.46
CA SER B 95 -23.58 -11.65 -6.09
C SER B 95 -25.10 -11.65 -5.95
N PRO B 96 -25.67 -12.39 -4.98
CA PRO B 96 -27.12 -12.33 -4.80
C PRO B 96 -27.57 -11.01 -4.15
N SER B 110 -21.72 -5.45 -22.05
CA SER B 110 -20.63 -5.31 -23.00
C SER B 110 -20.44 -6.61 -23.79
N GLY B 111 -19.54 -6.56 -24.77
CA GLY B 111 -19.20 -7.77 -25.50
C GLY B 111 -18.45 -8.79 -24.65
N TYR B 112 -17.73 -8.33 -23.63
CA TYR B 112 -17.10 -9.25 -22.70
C TYR B 112 -18.14 -10.09 -21.97
N ILE B 113 -19.22 -9.45 -21.51
CA ILE B 113 -20.27 -10.17 -20.80
C ILE B 113 -20.95 -11.18 -21.71
N GLU B 114 -21.05 -10.88 -23.01
CA GLU B 114 -21.57 -11.87 -23.95
C GLU B 114 -20.55 -12.97 -24.20
N SER B 115 -19.27 -12.66 -24.06
CA SER B 115 -18.21 -13.63 -24.32
C SER B 115 -18.19 -14.74 -23.27
N VAL B 116 -18.64 -14.44 -22.04
CA VAL B 116 -18.56 -15.39 -20.94
C VAL B 116 -19.89 -16.07 -20.66
N GLN B 117 -20.92 -15.80 -21.46
CA GLN B 117 -22.22 -16.43 -21.21
C GLN B 117 -22.10 -17.95 -21.20
N HIS B 118 -21.36 -18.52 -22.13
CA HIS B 118 -21.17 -19.97 -22.17
C HIS B 118 -20.25 -20.47 -21.09
N ILE B 119 -19.65 -19.58 -20.29
CA ILE B 119 -18.93 -19.99 -19.09
C ILE B 119 -19.83 -19.93 -17.87
N LEU B 120 -20.59 -18.84 -17.73
CA LEU B 120 -21.38 -18.61 -16.52
C LEU B 120 -22.49 -19.63 -16.36
N LYS B 121 -22.94 -20.27 -17.44
CA LYS B 121 -23.96 -21.31 -17.28
C LYS B 121 -23.41 -22.53 -16.56
N ASP B 122 -22.11 -22.76 -16.66
CA ASP B 122 -21.44 -23.84 -15.94
C ASP B 122 -20.96 -23.42 -14.55
N VAL B 123 -21.21 -22.18 -14.15
CA VAL B 123 -20.71 -21.64 -12.89
C VAL B 123 -21.87 -21.53 -11.92
N SER B 124 -21.61 -21.87 -10.65
CA SER B 124 -22.62 -21.78 -9.60
C SER B 124 -21.91 -22.02 -8.26
N GLY B 125 -22.69 -21.96 -7.18
CA GLY B 125 -22.15 -22.17 -5.85
C GLY B 125 -21.07 -21.18 -5.49
N VAL B 126 -21.37 -19.89 -5.61
CA VAL B 126 -20.37 -18.85 -5.37
C VAL B 126 -20.12 -18.72 -3.89
N ARG B 127 -18.87 -18.78 -3.47
CA ARG B 127 -18.53 -18.70 -2.06
C ARG B 127 -17.79 -17.43 -1.69
N ALA B 128 -17.23 -16.74 -2.67
CA ALA B 128 -16.45 -15.55 -2.36
C ALA B 128 -16.29 -14.74 -3.64
N LEU B 129 -16.27 -13.41 -3.46
CA LEU B 129 -16.10 -12.49 -4.58
C LEU B 129 -15.21 -11.33 -4.14
N GLU B 130 -14.20 -11.03 -4.93
CA GLU B 130 -13.30 -9.91 -4.68
C GLU B 130 -12.92 -9.84 -3.21
N SER B 131 -12.40 -10.96 -2.71
CA SER B 131 -12.22 -11.20 -1.29
C SER B 131 -10.74 -11.36 -0.96
N ALA B 132 -10.35 -10.83 0.20
CA ALA B 132 -8.97 -10.84 0.62
C ALA B 132 -8.55 -12.21 1.12
N VAL B 133 -7.32 -12.60 0.76
CA VAL B 133 -6.70 -13.81 1.27
C VAL B 133 -5.30 -13.46 1.75
N GLN B 134 -4.92 -13.99 2.92
CA GLN B 134 -3.61 -13.77 3.50
C GLN B 134 -3.04 -15.11 3.93
N HIS B 135 -1.79 -15.37 3.55
CA HIS B 135 -1.13 -16.63 3.90
C HIS B 135 -0.36 -16.42 5.20
N GLU B 136 -0.79 -17.13 6.25
CA GLU B 136 -0.22 -16.90 7.58
C GLU B 136 1.25 -17.25 7.64
N THR B 137 1.69 -18.25 6.88
CA THR B 137 3.06 -18.75 6.98
C THR B 137 3.98 -18.30 5.85
N LEU B 138 3.44 -18.14 4.63
CA LEU B 138 4.26 -17.67 3.52
C LEU B 138 4.27 -16.16 3.39
N ASN B 139 3.39 -15.46 4.11
CA ASN B 139 3.49 -14.02 4.31
C ASN B 139 3.32 -13.26 2.98
N TYR B 140 2.15 -13.42 2.39
CA TYR B 140 1.71 -12.55 1.30
C TYR B 140 0.20 -12.43 1.38
N ILE B 141 -0.35 -11.52 0.57
CA ILE B 141 -1.77 -11.23 0.56
C ILE B 141 -2.22 -11.03 -0.87
N GLY B 142 -3.54 -11.06 -1.08
CA GLY B 142 -4.09 -10.81 -2.40
C GLY B 142 -5.59 -10.69 -2.35
N LEU B 143 -6.16 -10.34 -3.50
CA LEU B 143 -7.61 -10.25 -3.68
C LEU B 143 -7.99 -11.14 -4.86
N LEU B 144 -8.62 -12.27 -4.58
CA LEU B 144 -9.05 -13.16 -5.64
C LEU B 144 -10.39 -12.71 -6.20
N ASP B 145 -10.61 -13.00 -7.49
CA ASP B 145 -11.84 -12.57 -8.14
C ASP B 145 -13.05 -13.33 -7.59
N CYS B 146 -12.95 -14.65 -7.52
CA CYS B 146 -14.11 -15.47 -7.25
C CYS B 146 -13.69 -16.85 -6.79
N VAL B 147 -14.45 -17.40 -5.86
CA VAL B 147 -14.40 -18.82 -5.52
C VAL B 147 -15.79 -19.39 -5.81
N ALA B 148 -15.89 -20.20 -6.84
CA ALA B 148 -17.17 -20.75 -7.26
C ALA B 148 -16.95 -22.11 -7.90
N GLU B 149 -18.05 -22.81 -8.15
CA GLU B 149 -18.02 -24.12 -8.77
C GLU B 149 -18.15 -23.99 -10.28
N TYR B 150 -17.19 -24.54 -11.01
CA TYR B 150 -17.24 -24.63 -12.47
C TYR B 150 -17.46 -26.09 -12.82
N GLN B 151 -18.62 -26.39 -13.39
CA GLN B 151 -18.98 -27.75 -13.75
C GLN B 151 -18.91 -28.68 -12.53
N GLY B 152 -19.35 -28.15 -11.39
CA GLY B 152 -19.37 -28.91 -10.16
C GLY B 152 -18.05 -28.97 -9.41
N LYS B 153 -17.01 -28.29 -9.91
CA LYS B 153 -15.68 -28.33 -9.31
C LYS B 153 -15.38 -26.96 -8.71
N LEU B 154 -15.15 -26.94 -7.40
CA LEU B 154 -14.85 -25.68 -6.72
C LEU B 154 -13.43 -25.22 -7.08
N CYS B 155 -13.31 -23.94 -7.41
CA CYS B 155 -12.02 -23.37 -7.78
C CYS B 155 -12.04 -21.88 -7.48
N VAL B 156 -10.86 -21.29 -7.39
CA VAL B 156 -10.74 -19.84 -7.50
C VAL B 156 -10.71 -19.50 -8.98
N ILE B 157 -11.50 -18.52 -9.39
CA ILE B 157 -11.64 -18.16 -10.79
C ILE B 157 -10.94 -16.82 -11.01
N ASP B 158 -10.23 -16.72 -12.13
CA ASP B 158 -9.55 -15.48 -12.53
C ASP B 158 -10.14 -15.03 -13.86
N TRP B 159 -11.05 -14.06 -13.80
CA TRP B 159 -11.57 -13.47 -15.01
C TRP B 159 -10.53 -12.53 -15.62
N LYS B 160 -10.66 -12.27 -16.91
CA LYS B 160 -9.88 -11.21 -17.52
C LYS B 160 -10.38 -10.93 -18.93
N THR B 161 -10.17 -9.70 -19.37
CA THR B 161 -10.36 -9.29 -20.74
C THR B 161 -9.04 -9.41 -21.49
N SER B 162 -9.13 -9.48 -22.81
CA SER B 162 -7.92 -9.57 -23.63
C SER B 162 -8.25 -9.11 -25.04
N GLU B 163 -7.30 -8.37 -25.64
CA GLU B 163 -7.46 -7.95 -27.02
C GLU B 163 -7.25 -9.14 -27.96
N LYS B 164 -6.07 -9.81 -27.84
CA LYS B 164 -5.76 -10.94 -28.71
C LYS B 164 -6.25 -12.24 -28.10
N PRO B 165 -6.53 -13.26 -28.91
CA PRO B 165 -6.97 -14.55 -28.37
C PRO B 165 -5.91 -15.21 -27.51
N LYS B 166 -6.37 -16.13 -26.66
CA LYS B 166 -5.50 -16.88 -25.76
C LYS B 166 -6.04 -18.30 -25.64
N PRO B 167 -5.89 -19.12 -26.68
CA PRO B 167 -6.50 -20.46 -26.67
C PRO B 167 -5.77 -21.48 -25.82
N PHE B 168 -4.55 -21.19 -25.36
CA PHE B 168 -3.79 -22.11 -24.53
C PHE B 168 -3.44 -21.45 -23.20
N ILE B 169 -3.41 -22.27 -22.14
CA ILE B 169 -3.05 -21.77 -20.82
C ILE B 169 -1.72 -21.03 -20.87
N GLN B 170 -0.79 -21.50 -21.70
CA GLN B 170 0.52 -20.86 -21.81
C GLN B 170 0.38 -19.40 -22.23
N SER B 171 -0.67 -19.07 -22.98
CA SER B 171 -0.86 -17.71 -23.46
C SER B 171 -1.18 -16.73 -22.34
N THR B 172 -1.51 -17.20 -21.15
CA THR B 172 -1.85 -16.34 -20.02
C THR B 172 -0.65 -16.06 -19.12
N PHE B 173 0.53 -16.54 -19.48
CA PHE B 173 1.78 -16.18 -18.81
C PHE B 173 1.71 -16.41 -17.30
N ASP B 174 1.82 -15.34 -16.50
CA ASP B 174 1.89 -15.51 -15.05
C ASP B 174 0.53 -15.79 -14.41
N ASN B 175 -0.56 -15.72 -15.17
CA ASN B 175 -1.89 -15.87 -14.57
C ASN B 175 -2.06 -17.15 -13.76
N PRO B 176 -1.59 -18.32 -14.20
CA PRO B 176 -1.74 -19.52 -13.36
C PRO B 176 -1.03 -19.40 -12.03
N LEU B 177 0.10 -18.70 -11.99
CA LEU B 177 0.78 -18.47 -10.71
C LEU B 177 -0.05 -17.59 -9.79
N GLN B 178 -0.63 -16.52 -10.34
CA GLN B 178 -1.54 -15.69 -9.53
C GLN B 178 -2.66 -16.52 -8.94
N VAL B 179 -3.17 -17.50 -9.70
CA VAL B 179 -4.33 -18.25 -9.26
C VAL B 179 -3.96 -19.18 -8.10
N VAL B 180 -2.86 -19.93 -8.25
CA VAL B 180 -2.49 -20.87 -7.19
C VAL B 180 -1.98 -20.13 -5.96
N ALA B 181 -1.38 -18.96 -6.16
CA ALA B 181 -1.08 -18.09 -5.02
C ALA B 181 -2.34 -17.80 -4.22
N TYR B 182 -3.44 -17.48 -4.90
CA TYR B 182 -4.70 -17.24 -4.21
C TYR B 182 -5.20 -18.52 -3.54
N MET B 183 -5.19 -19.62 -4.28
CA MET B 183 -5.60 -20.91 -3.74
C MET B 183 -4.88 -21.22 -2.44
N GLY B 184 -3.55 -21.30 -2.51
CA GLY B 184 -2.79 -21.67 -1.32
C GLY B 184 -3.01 -20.71 -0.17
N ALA B 185 -3.12 -19.41 -0.48
CA ALA B 185 -3.40 -18.43 0.57
C ALA B 185 -4.75 -18.72 1.23
N MET B 186 -5.79 -18.90 0.44
CA MET B 186 -7.12 -19.12 0.99
C MET B 186 -7.17 -20.40 1.82
N ASN B 187 -6.47 -21.45 1.37
CA ASN B 187 -6.48 -22.72 2.08
C ASN B 187 -5.82 -22.63 3.46
N HIS B 188 -5.16 -21.52 3.77
CA HIS B 188 -4.51 -21.34 5.07
C HIS B 188 -4.84 -19.94 5.57
N ASP B 189 -6.12 -19.63 5.60
CA ASP B 189 -6.63 -18.33 6.06
C ASP B 189 -7.86 -18.63 6.90
N THR B 190 -7.76 -18.47 8.22
CA THR B 190 -8.86 -18.81 9.11
C THR B 190 -10.12 -18.00 8.82
N ASN B 191 -10.04 -16.97 7.98
CA ASN B 191 -11.25 -16.28 7.54
C ASN B 191 -12.10 -17.13 6.60
N TYR B 192 -11.56 -18.26 6.11
CA TYR B 192 -12.30 -19.18 5.26
C TYR B 192 -12.34 -20.54 5.96
N SER B 193 -13.50 -21.18 5.92
CA SER B 193 -13.71 -22.46 6.58
C SER B 193 -13.57 -23.65 5.64
N PHE B 194 -13.35 -23.41 4.34
CA PHE B 194 -13.26 -24.46 3.35
C PHE B 194 -11.91 -24.38 2.64
N GLN B 195 -11.66 -25.36 1.78
CA GLN B 195 -10.46 -25.43 0.97
C GLN B 195 -10.84 -25.52 -0.50
N VAL B 196 -9.87 -25.22 -1.36
CA VAL B 196 -10.07 -25.24 -2.81
C VAL B 196 -8.88 -25.94 -3.44
N GLN B 197 -9.14 -26.74 -4.47
CA GLN B 197 -8.11 -27.57 -5.07
C GLN B 197 -7.94 -27.36 -6.57
N CYS B 198 -8.77 -26.53 -7.20
CA CYS B 198 -8.69 -26.31 -8.63
C CYS B 198 -8.70 -24.82 -8.93
N GLY B 199 -8.25 -24.48 -10.14
CA GLY B 199 -8.27 -23.11 -10.60
C GLY B 199 -8.84 -23.03 -12.00
N LEU B 200 -9.27 -21.83 -12.37
CA LEU B 200 -9.87 -21.60 -13.68
C LEU B 200 -9.52 -20.19 -14.14
N ILE B 201 -9.05 -20.08 -15.37
CA ILE B 201 -8.75 -18.80 -16.00
C ILE B 201 -9.72 -18.60 -17.15
N VAL B 202 -10.42 -17.47 -17.16
CA VAL B 202 -11.45 -17.17 -18.14
C VAL B 202 -11.04 -15.91 -18.89
N VAL B 203 -10.78 -16.04 -20.19
CA VAL B 203 -10.39 -14.92 -21.03
C VAL B 203 -11.59 -14.57 -21.91
N ALA B 204 -12.18 -13.41 -21.66
CA ALA B 204 -13.29 -12.90 -22.45
C ALA B 204 -12.81 -11.89 -23.48
N TYR B 205 -13.55 -11.77 -24.54
CA TYR B 205 -13.14 -10.90 -25.61
C TYR B 205 -14.19 -9.85 -25.89
N LYS B 206 -13.77 -8.71 -26.38
CA LYS B 206 -14.70 -7.61 -26.63
C LYS B 206 -15.68 -7.88 -27.74
N ASP B 207 -15.27 -8.63 -28.73
CA ASP B 207 -16.12 -8.89 -29.87
C ASP B 207 -17.26 -9.83 -29.56
N GLY B 208 -17.30 -10.33 -28.34
CA GLY B 208 -18.34 -11.26 -27.96
C GLY B 208 -17.99 -12.66 -28.38
N SER B 209 -16.81 -12.84 -28.94
CA SER B 209 -16.37 -14.17 -29.30
C SER B 209 -16.42 -14.99 -28.02
N PRO B 210 -16.68 -16.28 -28.13
CA PRO B 210 -16.77 -17.12 -26.95
C PRO B 210 -15.49 -17.09 -26.13
N ALA B 211 -15.63 -16.95 -24.83
CA ALA B 211 -14.46 -16.85 -23.96
C ALA B 211 -13.76 -18.21 -23.85
N HIS B 212 -12.46 -18.16 -23.56
CA HIS B 212 -11.66 -19.37 -23.42
C HIS B 212 -11.55 -19.73 -21.96
N PRO B 213 -12.04 -20.90 -21.53
CA PRO B 213 -11.77 -21.35 -20.16
C PRO B 213 -10.53 -22.22 -20.08
N HIS B 214 -9.65 -21.96 -19.12
CA HIS B 214 -8.45 -22.75 -18.91
C HIS B 214 -8.55 -23.35 -17.51
N PHE B 215 -9.10 -24.57 -17.43
CA PHE B 215 -9.30 -25.22 -16.14
C PHE B 215 -7.99 -25.83 -15.67
N MET B 216 -7.66 -25.60 -14.40
CA MET B 216 -6.43 -26.09 -13.78
C MET B 216 -6.84 -27.09 -12.70
N ASP B 217 -6.71 -28.38 -12.98
CA ASP B 217 -7.11 -29.39 -12.02
C ASP B 217 -6.08 -29.50 -10.89
N ALA B 218 -6.41 -30.31 -9.89
CA ALA B 218 -5.60 -30.39 -8.68
C ALA B 218 -4.14 -30.63 -9.00
N GLU B 219 -3.85 -31.52 -9.95
CA GLU B 219 -2.46 -31.84 -10.26
C GLU B 219 -1.75 -30.66 -10.92
N LEU B 220 -2.44 -29.97 -11.84
CA LEU B 220 -1.81 -28.84 -12.53
C LEU B 220 -1.55 -27.69 -11.57
N CYS B 221 -2.48 -27.43 -10.65
CA CYS B 221 -2.26 -26.36 -9.67
C CYS B 221 -1.06 -26.66 -8.79
N SER B 222 -0.78 -27.94 -8.52
CA SER B 222 0.37 -28.30 -7.71
C SER B 222 1.67 -27.99 -8.44
N GLN B 223 1.68 -28.16 -9.77
CA GLN B 223 2.89 -27.87 -10.53
C GLN B 223 3.12 -26.36 -10.62
N TYR B 224 2.06 -25.59 -10.89
CA TYR B 224 2.20 -24.14 -10.91
C TYR B 224 2.52 -23.60 -9.51
N TRP B 225 2.08 -24.31 -8.47
CA TRP B 225 2.33 -23.85 -7.11
C TRP B 225 3.82 -23.90 -6.78
N THR B 226 4.50 -24.94 -7.25
CA THR B 226 5.94 -25.03 -7.03
C THR B 226 6.66 -23.86 -7.71
N LYS B 227 6.18 -23.46 -8.90
CA LYS B 227 6.77 -22.31 -9.56
C LYS B 227 6.45 -21.02 -8.83
N TRP B 228 5.23 -20.92 -8.28
CA TRP B 228 4.88 -19.74 -7.48
C TRP B 228 5.81 -19.59 -6.30
N LEU B 229 6.13 -20.70 -5.62
CA LEU B 229 7.05 -20.63 -4.48
C LEU B 229 8.41 -20.10 -4.92
N LEU B 230 8.85 -20.46 -6.12
CA LEU B 230 10.14 -19.99 -6.61
C LEU B 230 10.11 -18.48 -6.85
N ARG B 231 9.05 -17.98 -7.49
CA ARG B 231 8.92 -16.54 -7.66
C ARG B 231 8.84 -15.84 -6.31
N LEU B 232 8.13 -16.44 -5.35
CA LEU B 232 8.02 -15.86 -4.02
C LEU B 232 9.38 -15.78 -3.34
N GLU B 233 10.14 -16.87 -3.38
CA GLU B 233 11.45 -16.88 -2.72
C GLU B 233 12.43 -15.98 -3.44
N GLU B 234 12.34 -15.90 -4.78
CA GLU B 234 13.17 -14.96 -5.51
C GLU B 234 12.85 -13.52 -5.10
N TYR B 235 11.57 -13.21 -4.91
CA TYR B 235 11.19 -11.86 -4.48
C TYR B 235 11.76 -11.53 -3.11
N THR B 236 11.52 -12.40 -2.13
CA THR B 236 11.97 -12.13 -0.77
C THR B 236 13.49 -11.97 -0.72
N GLU B 237 14.22 -12.75 -1.50
CA GLU B 237 15.67 -12.57 -1.59
C GLU B 237 16.01 -11.20 -2.14
N LYS B 238 15.31 -10.77 -3.19
CA LYS B 238 15.57 -9.46 -3.77
C LYS B 238 15.34 -8.35 -2.76
N LYS B 239 14.44 -8.55 -1.81
CA LYS B 239 14.20 -7.57 -0.76
C LYS B 239 15.23 -7.65 0.35
N LYS B 240 15.86 -8.81 0.55
CA LYS B 240 16.89 -8.92 1.56
C LYS B 240 18.14 -8.16 1.14
N ASN B 241 18.51 -8.28 -0.15
CA ASN B 241 19.67 -7.53 -0.65
C ASN B 241 19.53 -6.04 -0.37
N GLN B 242 18.31 -5.53 -0.43
CA GLN B 242 18.05 -4.12 -0.13
C GLN B 242 18.09 -3.88 1.38
#